data_5JXY
#
_entry.id   5JXY
#
_cell.length_a   88.450
_cell.length_b   53.270
_cell.length_c   82.540
_cell.angle_alpha   90.00
_cell.angle_beta   95.63
_cell.angle_gamma   90.00
#
_symmetry.space_group_name_H-M   'C 1 2 1'
#
loop_
_entity.id
_entity.type
_entity.pdbx_description
1 polymer 'G/T mismatch-specific thymine DNA glycosylase'
2 polymer 'DNA (28-MER)'
3 polymer 'DNA (28-MER)'
4 water water
#
loop_
_entity_poly.entity_id
_entity_poly.type
_entity_poly.pdbx_seq_one_letter_code
_entity_poly.pdbx_strand_id
1 'polypeptide(L)'
;GSHMASFNGVSEAELLTKTLPDILTFNLDIVIIGINPGLMAAYKGHHYPGPGNHFWKCLFMSGLSEVQLNHMDDHTLPGK
YGIGFTNMVERTTPGSKDLSSKEFREGGRILVQKLQKYQPRIAVFNGKCIYEIFSKEVFGVKVKNLEFGLQPHKIPDTET
LCYVMPSSSARCAQFPRAQDKVHYYIKLKDLRDQLKGIERNMDV
;
A
2 'polydeoxyribonucleotide'
;(DC)(DA)(DG)(DC)(DT)(DC)(DT)(DG)(DT)(DA)(DC)(DG)(DT)(DG)(DA)(DG)(DC)(DG)(DA)(DT)
(DG)(DG)(DA)(DC)(DA)(DG)(DC)(DT)
;
C
3 'polydeoxyribonucleotide'
;(DA)(DG)(DC)(DT)(DG)(DT)(DC)(DC)(DA)(DT)(DC)(DG)(DC)(DT)(DC)(DA)(UF2)(DG)(DT)
(DA)(DC)(DA)(DG)(DA)(DG)(DC)(DT)(DG)
;
D
#
loop_
_chem_comp.id
_chem_comp.type
_chem_comp.name
_chem_comp.formula
DA DNA linking 2'-DEOXYADENOSINE-5'-MONOPHOSPHATE 'C10 H14 N5 O6 P'
DC DNA linking 2'-DEOXYCYTIDINE-5'-MONOPHOSPHATE 'C9 H14 N3 O7 P'
DG DNA linking 2'-DEOXYGUANOSINE-5'-MONOPHOSPHATE 'C10 H14 N5 O7 P'
DT DNA linking THYMIDINE-5'-MONOPHOSPHATE 'C10 H15 N2 O8 P'
UF2 DNA linking 1-(2-deoxy-2-fluoro-5-O-phosphono-beta-D-arabinofuranosyl)pyrimidine-2,4(1H,3H)-dione 'C9 H12 F N2 O8 P'
#
# COMPACT_ATOMS: atom_id res chain seq x y z
N PHE A 7 7.22 10.94 21.46
CA PHE A 7 7.09 9.48 21.31
C PHE A 7 8.15 8.85 22.21
N ASN A 8 7.82 8.59 23.49
CA ASN A 8 8.79 8.08 24.48
C ASN A 8 10.09 8.95 24.54
N GLY A 9 9.93 10.27 24.54
CA GLY A 9 11.04 11.21 24.60
C GLY A 9 11.75 11.47 23.29
N VAL A 10 11.26 10.90 22.19
CA VAL A 10 11.85 11.10 20.85
C VAL A 10 11.10 12.25 20.19
N SER A 11 11.83 13.27 19.78
CA SER A 11 11.20 14.43 19.15
C SER A 11 10.73 14.15 17.73
N GLU A 12 9.77 14.97 17.29
CA GLU A 12 9.24 14.97 15.93
C GLU A 12 10.41 15.20 14.97
N ALA A 13 11.25 16.22 15.24
CA ALA A 13 12.47 16.55 14.48
C ALA A 13 13.34 15.30 14.19
N GLU A 14 13.59 14.47 15.22
CA GLU A 14 14.35 13.21 15.09
C GLU A 14 13.60 12.25 14.15
N LEU A 15 12.28 12.08 14.34
CA LEU A 15 11.47 11.17 13.50
C LEU A 15 11.43 11.56 12.04
N LEU A 16 11.43 12.88 11.74
CA LEU A 16 11.41 13.39 10.37
C LEU A 16 12.66 13.01 9.55
N THR A 17 13.75 12.61 10.22
CA THR A 17 15.00 12.18 9.55
C THR A 17 14.98 10.66 9.25
N LYS A 18 14.02 9.94 9.84
CA LYS A 18 13.95 8.48 9.72
C LYS A 18 13.22 8.03 8.49
N THR A 19 13.56 6.82 8.02
CA THR A 19 12.86 6.24 6.87
C THR A 19 12.40 4.85 7.23
N LEU A 20 11.52 4.29 6.40
CA LEU A 20 10.95 2.98 6.66
C LEU A 20 11.42 2.02 5.56
N PRO A 21 12.13 0.93 5.91
CA PRO A 21 12.60 0.01 4.85
C PRO A 21 11.50 -0.74 4.13
N ASP A 22 11.71 -0.98 2.83
CA ASP A 22 10.80 -1.78 2.01
C ASP A 22 10.88 -3.23 2.47
N ILE A 23 9.80 -3.99 2.22
CA ILE A 23 9.74 -5.42 2.55
C ILE A 23 9.27 -6.02 1.23
N LEU A 24 10.22 -6.24 0.33
CA LEU A 24 9.95 -6.71 -1.02
C LEU A 24 10.73 -7.95 -1.37
N THR A 25 10.07 -8.89 -2.02
CA THR A 25 10.68 -10.14 -2.51
C THR A 25 10.03 -10.43 -3.87
N PHE A 26 10.55 -11.43 -4.55
CA PHE A 26 9.99 -11.89 -5.81
C PHE A 26 8.82 -12.82 -5.44
N ASN A 27 7.98 -13.15 -6.44
CA ASN A 27 6.85 -14.08 -6.35
C ASN A 27 5.79 -13.70 -5.31
N LEU A 28 5.58 -12.39 -5.04
CA LEU A 28 4.54 -11.98 -4.12
C LEU A 28 3.21 -11.92 -4.82
N ASP A 29 2.13 -12.13 -4.07
CA ASP A 29 0.78 -11.98 -4.61
C ASP A 29 0.45 -10.51 -4.63
N ILE A 30 0.85 -9.81 -3.56
CA ILE A 30 0.44 -8.44 -3.31
C ILE A 30 1.59 -7.59 -2.79
N VAL A 31 1.65 -6.34 -3.26
CA VAL A 31 2.55 -5.36 -2.67
C VAL A 31 1.64 -4.23 -2.23
N ILE A 32 1.62 -3.95 -0.91
CA ILE A 32 0.86 -2.84 -0.34
C ILE A 32 1.74 -1.61 -0.50
N ILE A 33 1.26 -0.61 -1.23
CA ILE A 33 1.96 0.64 -1.51
C ILE A 33 1.28 1.74 -0.73
N GLY A 34 1.96 2.26 0.28
CA GLY A 34 1.46 3.37 1.07
C GLY A 34 1.91 4.68 0.47
N ILE A 35 1.60 5.78 1.15
CA ILE A 35 1.94 7.10 0.68
C ILE A 35 3.39 7.44 1.04
N ASN A 36 3.67 7.40 2.37
CA ASN A 36 4.99 7.69 2.94
C ASN A 36 4.88 7.30 4.42
N PRO A 37 5.99 7.17 5.18
CA PRO A 37 5.81 6.85 6.60
C PRO A 37 5.24 8.03 7.39
N GLY A 38 4.31 7.72 8.29
CA GLY A 38 3.80 8.68 9.24
C GLY A 38 4.76 8.65 10.43
N LEU A 39 4.53 9.46 11.45
CA LEU A 39 5.45 9.51 12.61
C LEU A 39 5.62 8.19 13.34
N MET A 40 4.52 7.44 13.56
CA MET A 40 4.61 6.18 14.29
C MET A 40 5.37 5.12 13.48
N ALA A 41 5.15 5.10 12.16
CA ALA A 41 5.87 4.16 11.28
C ALA A 41 7.37 4.49 11.36
N ALA A 42 7.76 5.79 11.28
CA ALA A 42 9.17 6.21 11.38
C ALA A 42 9.74 5.78 12.74
N TYR A 43 8.96 5.98 13.82
CA TYR A 43 9.35 5.62 15.17
C TYR A 43 9.65 4.13 15.34
N LYS A 44 8.71 3.30 14.91
CA LYS A 44 8.75 1.84 15.08
C LYS A 44 9.63 1.11 14.08
N GLY A 45 9.77 1.66 12.88
CA GLY A 45 10.53 0.98 11.83
C GLY A 45 9.72 -0.17 11.24
N HIS A 46 8.38 -0.10 11.40
CA HIS A 46 7.44 -1.10 10.89
C HIS A 46 6.26 -0.42 10.17
N HIS A 47 5.61 -1.16 9.26
CA HIS A 47 4.52 -0.65 8.44
C HIS A 47 3.16 -0.63 9.19
N TYR A 48 2.48 0.53 9.10
CA TYR A 48 1.16 0.83 9.65
C TYR A 48 0.97 0.55 11.15
N PRO A 49 1.88 1.00 12.04
CA PRO A 49 1.61 0.81 13.46
C PRO A 49 0.63 1.85 14.00
N GLY A 50 0.24 1.65 15.25
CA GLY A 50 -0.47 2.65 16.04
C GLY A 50 -1.94 2.78 15.82
N PRO A 51 -2.54 3.73 16.58
CA PRO A 51 -4.01 3.88 16.60
C PRO A 51 -4.67 4.69 15.49
N GLY A 52 -3.90 5.40 14.67
CA GLY A 52 -4.50 6.18 13.60
C GLY A 52 -4.52 5.44 12.27
N ASN A 53 -4.35 4.08 12.30
CA ASN A 53 -4.32 3.33 11.05
C ASN A 53 -5.12 2.03 11.15
N HIS A 54 -5.93 1.75 10.12
CA HIS A 54 -6.83 0.57 10.08
C HIS A 54 -6.22 -0.65 9.36
N PHE A 55 -5.02 -0.53 8.78
CA PHE A 55 -4.47 -1.61 7.94
C PHE A 55 -4.50 -3.02 8.60
N TRP A 56 -3.85 -3.22 9.75
CA TRP A 56 -3.76 -4.55 10.36
C TRP A 56 -5.15 -5.13 10.73
N LYS A 57 -6.03 -4.27 11.21
CA LYS A 57 -7.39 -4.69 11.56
C LYS A 57 -8.15 -5.11 10.29
N CYS A 58 -7.98 -4.35 9.19
CA CYS A 58 -8.66 -4.72 7.94
C CYS A 58 -8.08 -6.01 7.38
N LEU A 59 -6.75 -6.22 7.49
CA LEU A 59 -6.10 -7.43 6.97
C LEU A 59 -6.69 -8.67 7.61
N PHE A 60 -6.94 -8.61 8.92
CA PHE A 60 -7.57 -9.72 9.65
C PHE A 60 -9.08 -9.82 9.34
N MET A 61 -9.81 -8.71 9.44
CA MET A 61 -11.26 -8.73 9.21
C MET A 61 -11.67 -9.29 7.82
N SER A 62 -10.82 -9.07 6.79
CA SER A 62 -11.05 -9.55 5.43
C SER A 62 -10.64 -11.02 5.23
N GLY A 63 -9.84 -11.56 6.15
CA GLY A 63 -9.33 -12.93 5.99
C GLY A 63 -8.01 -12.98 5.27
N LEU A 64 -7.43 -11.82 4.87
CA LEU A 64 -6.08 -11.80 4.26
C LEU A 64 -5.03 -12.34 5.26
N SER A 65 -5.32 -12.23 6.56
CA SER A 65 -4.60 -12.91 7.61
C SER A 65 -5.67 -13.67 8.41
N GLU A 66 -5.38 -14.93 8.82
CA GLU A 66 -6.36 -15.72 9.55
C GLU A 66 -6.40 -15.38 11.04
N VAL A 67 -5.40 -14.62 11.52
CA VAL A 67 -5.31 -14.18 12.92
C VAL A 67 -5.07 -12.69 12.89
N GLN A 68 -5.26 -12.01 14.04
CA GLN A 68 -4.99 -10.58 14.12
C GLN A 68 -3.46 -10.40 14.24
N LEU A 69 -2.88 -9.68 13.28
CA LEU A 69 -1.45 -9.42 13.28
C LEU A 69 -1.25 -7.97 13.62
N ASN A 70 0.00 -7.56 13.78
CA ASN A 70 0.29 -6.16 14.07
C ASN A 70 1.54 -5.76 13.32
N HIS A 71 1.97 -4.50 13.45
CA HIS A 71 3.13 -3.96 12.73
C HIS A 71 4.40 -4.78 12.93
N MET A 72 4.58 -5.44 14.10
CA MET A 72 5.76 -6.23 14.36
C MET A 72 5.88 -7.48 13.47
N ASP A 73 4.77 -7.92 12.86
CA ASP A 73 4.73 -9.12 12.01
C ASP A 73 5.03 -8.83 10.54
N ASP A 74 5.25 -7.59 10.17
CA ASP A 74 5.37 -7.17 8.77
C ASP A 74 6.46 -7.91 7.97
N HIS A 75 7.63 -8.23 8.59
CA HIS A 75 8.67 -8.97 7.85
C HIS A 75 8.31 -10.43 7.57
N THR A 76 7.30 -10.98 8.26
CA THR A 76 6.87 -12.37 8.04
C THR A 76 5.86 -12.44 6.88
N LEU A 77 5.32 -11.29 6.45
CA LEU A 77 4.24 -11.28 5.44
C LEU A 77 4.65 -11.80 4.07
N PRO A 78 5.87 -11.56 3.54
CA PRO A 78 6.21 -12.17 2.24
C PRO A 78 6.17 -13.68 2.25
N GLY A 79 6.94 -14.31 3.14
CA GLY A 79 7.03 -15.77 3.23
C GLY A 79 5.76 -16.46 3.68
N LYS A 80 5.10 -15.92 4.70
CA LYS A 80 3.89 -16.55 5.24
C LYS A 80 2.60 -16.20 4.51
N TYR A 81 2.46 -14.94 4.03
CA TYR A 81 1.19 -14.50 3.46
C TYR A 81 1.25 -14.06 1.99
N GLY A 82 2.45 -13.96 1.41
CA GLY A 82 2.63 -13.55 0.03
C GLY A 82 2.40 -12.05 -0.18
N ILE A 83 2.62 -11.27 0.88
CA ILE A 83 2.39 -9.81 0.88
C ILE A 83 3.66 -9.03 1.22
N GLY A 84 3.93 -7.96 0.47
CA GLY A 84 5.07 -7.11 0.70
C GLY A 84 4.62 -5.68 0.90
N PHE A 85 5.57 -4.78 1.17
CA PHE A 85 5.31 -3.37 1.46
C PHE A 85 6.32 -2.42 0.86
N THR A 86 5.82 -1.25 0.44
CA THR A 86 6.63 -0.10 0.05
C THR A 86 5.76 1.12 0.20
N ASN A 87 6.33 2.31 -0.04
CA ASN A 87 5.57 3.58 -0.03
C ASN A 87 5.97 4.35 -1.25
N MET A 88 5.05 5.19 -1.76
CA MET A 88 5.31 6.03 -2.94
C MET A 88 6.49 6.99 -2.65
N VAL A 89 6.51 7.61 -1.44
CA VAL A 89 7.53 8.58 -1.04
C VAL A 89 8.25 8.11 0.22
N GLU A 90 9.58 8.20 0.24
CA GLU A 90 10.39 7.77 1.36
C GLU A 90 10.31 8.68 2.59
N ARG A 91 10.34 10.01 2.38
CA ARG A 91 10.40 10.97 3.48
C ARG A 91 9.22 10.84 4.43
N THR A 92 9.54 10.83 5.74
CA THR A 92 8.56 10.79 6.81
C THR A 92 7.98 12.21 7.01
N THR A 93 6.64 12.32 7.11
CA THR A 93 5.92 13.56 7.45
C THR A 93 4.71 13.20 8.39
N PRO A 94 4.15 14.15 9.17
CA PRO A 94 2.93 13.80 9.96
C PRO A 94 1.74 13.40 9.06
N GLY A 95 1.53 14.14 7.96
CA GLY A 95 0.47 13.88 6.99
C GLY A 95 0.94 13.95 5.56
N SER A 96 0.20 13.28 4.63
CA SER A 96 0.53 13.26 3.21
C SER A 96 0.53 14.65 2.52
N LYS A 97 -0.24 15.65 3.06
CA LYS A 97 -0.26 17.01 2.43
C LYS A 97 1.04 17.83 2.62
N ASP A 98 2.04 17.29 3.33
CA ASP A 98 3.34 17.94 3.54
C ASP A 98 4.36 17.61 2.42
N LEU A 99 4.00 16.71 1.50
CA LEU A 99 4.86 16.30 0.38
C LEU A 99 4.57 17.11 -0.87
N SER A 100 5.63 17.42 -1.65
CA SER A 100 5.54 18.18 -2.90
C SER A 100 5.20 17.27 -4.12
N SER A 101 4.71 17.88 -5.21
CA SER A 101 4.40 17.15 -6.44
C SER A 101 5.65 16.46 -7.01
N LYS A 102 6.82 17.14 -6.95
CA LYS A 102 8.09 16.59 -7.44
C LYS A 102 8.45 15.33 -6.61
N GLU A 103 8.20 15.34 -5.29
CA GLU A 103 8.46 14.17 -4.44
C GLU A 103 7.60 13.00 -4.91
N PHE A 104 6.31 13.26 -5.18
CA PHE A 104 5.40 12.23 -5.65
C PHE A 104 5.84 11.67 -6.97
N ARG A 105 6.23 12.54 -7.93
CA ARG A 105 6.62 12.06 -9.26
C ARG A 105 7.97 11.36 -9.23
N GLU A 106 8.91 11.80 -8.38
CA GLU A 106 10.17 11.06 -8.20
C GLU A 106 9.81 9.66 -7.65
N GLY A 107 8.91 9.65 -6.66
CA GLY A 107 8.46 8.41 -6.03
C GLY A 107 7.82 7.45 -7.01
N GLY A 108 6.96 7.99 -7.89
CA GLY A 108 6.24 7.23 -8.90
C GLY A 108 7.19 6.51 -9.84
N ARG A 109 8.26 7.20 -10.27
CA ARG A 109 9.31 6.66 -11.15
C ARG A 109 10.03 5.50 -10.46
N ILE A 110 10.49 5.73 -9.20
CA ILE A 110 11.18 4.74 -8.37
C ILE A 110 10.25 3.53 -8.16
N LEU A 111 8.98 3.79 -7.93
CA LEU A 111 7.99 2.72 -7.66
C LEU A 111 7.77 1.83 -8.88
N VAL A 112 7.63 2.42 -10.07
CA VAL A 112 7.41 1.60 -11.26
C VAL A 112 8.64 0.67 -11.50
N GLN A 113 9.89 1.17 -11.26
CA GLN A 113 11.11 0.35 -11.39
C GLN A 113 11.08 -0.84 -10.42
N LYS A 114 10.69 -0.60 -9.17
CA LYS A 114 10.56 -1.64 -8.13
C LYS A 114 9.52 -2.67 -8.52
N LEU A 115 8.38 -2.21 -9.09
CA LEU A 115 7.32 -3.13 -9.52
C LEU A 115 7.73 -3.94 -10.72
N GLN A 116 8.52 -3.34 -11.62
CA GLN A 116 9.02 -4.04 -12.81
C GLN A 116 10.11 -5.04 -12.44
N LYS A 117 10.78 -4.82 -11.31
CA LYS A 117 11.79 -5.75 -10.82
C LYS A 117 11.08 -6.92 -10.11
N TYR A 118 10.25 -6.62 -9.08
CA TYR A 118 9.63 -7.63 -8.22
C TYR A 118 8.41 -8.33 -8.81
N GLN A 119 7.69 -7.67 -9.73
CA GLN A 119 6.52 -8.20 -10.46
C GLN A 119 5.55 -9.01 -9.56
N PRO A 120 4.93 -8.36 -8.55
CA PRO A 120 3.92 -9.05 -7.75
C PRO A 120 2.68 -9.28 -8.63
N ARG A 121 1.78 -10.17 -8.25
CA ARG A 121 0.56 -10.35 -9.06
C ARG A 121 -0.25 -9.06 -9.08
N ILE A 122 -0.23 -8.34 -7.94
CA ILE A 122 -1.05 -7.14 -7.73
C ILE A 122 -0.29 -6.06 -6.97
N ALA A 123 -0.27 -4.84 -7.52
CA ALA A 123 0.24 -3.62 -6.90
C ALA A 123 -0.95 -2.93 -6.28
N VAL A 124 -0.98 -2.87 -4.95
CA VAL A 124 -2.12 -2.31 -4.22
C VAL A 124 -1.80 -0.89 -3.76
N PHE A 125 -2.52 0.08 -4.28
CA PHE A 125 -2.36 1.48 -3.91
C PHE A 125 -3.24 1.72 -2.70
N ASN A 126 -2.57 1.87 -1.55
CA ASN A 126 -3.24 2.09 -0.28
C ASN A 126 -3.50 3.60 -0.19
N GLY A 127 -4.50 4.07 -0.94
CA GLY A 127 -4.81 5.49 -1.03
C GLY A 127 -5.09 5.89 -2.47
N LYS A 128 -6.26 6.49 -2.70
CA LYS A 128 -6.67 6.94 -4.02
C LYS A 128 -5.75 8.06 -4.53
N CYS A 129 -5.36 9.03 -3.65
CA CYS A 129 -4.51 10.17 -4.00
C CYS A 129 -3.20 9.76 -4.66
N ILE A 130 -2.59 8.66 -4.21
CA ILE A 130 -1.31 8.26 -4.82
C ILE A 130 -1.54 7.58 -6.17
N TYR A 131 -2.66 6.84 -6.33
CA TYR A 131 -2.91 6.27 -7.64
C TYR A 131 -3.26 7.36 -8.67
N GLU A 132 -3.91 8.45 -8.21
CA GLU A 132 -4.24 9.56 -9.12
C GLU A 132 -2.94 10.09 -9.75
N ILE A 133 -1.90 10.31 -8.91
CA ILE A 133 -0.59 10.78 -9.34
C ILE A 133 0.09 9.73 -10.22
N PHE A 134 0.12 8.47 -9.76
CA PHE A 134 0.75 7.37 -10.48
C PHE A 134 0.21 7.19 -11.88
N SER A 135 -1.13 7.15 -12.04
CA SER A 135 -1.79 6.96 -13.35
C SER A 135 -1.41 8.06 -14.32
N LYS A 136 -1.46 9.32 -13.86
CA LYS A 136 -1.11 10.49 -14.66
C LYS A 136 0.34 10.40 -15.12
N GLU A 137 1.24 9.95 -14.24
CA GLU A 137 2.66 9.84 -14.54
C GLU A 137 3.06 8.63 -15.41
N VAL A 138 2.45 7.48 -15.17
CA VAL A 138 2.88 6.22 -15.76
C VAL A 138 2.03 5.84 -16.98
N PHE A 139 0.73 6.03 -16.90
CA PHE A 139 -0.17 5.70 -18.00
C PHE A 139 -0.53 6.91 -18.85
N GLY A 140 -0.22 8.12 -18.35
CA GLY A 140 -0.55 9.38 -19.04
C GLY A 140 -2.04 9.56 -19.11
N VAL A 141 -2.76 8.94 -18.15
CA VAL A 141 -4.21 8.91 -18.04
C VAL A 141 -4.65 9.68 -16.80
N LYS A 142 -5.62 10.61 -16.98
CA LYS A 142 -6.19 11.38 -15.88
C LYS A 142 -7.71 11.29 -15.96
N VAL A 143 -8.32 10.71 -14.92
CA VAL A 143 -9.77 10.55 -14.78
C VAL A 143 -10.25 11.36 -13.55
N LYS A 144 -11.51 11.92 -13.48
CA LYS A 144 -12.65 11.96 -14.40
C LYS A 144 -13.15 10.57 -14.89
N ASN A 145 -13.61 9.65 -14.00
CA ASN A 145 -13.68 9.75 -12.54
C ASN A 145 -13.13 8.46 -11.93
N LEU A 146 -11.97 8.60 -11.25
CA LEU A 146 -11.25 7.48 -10.69
C LEU A 146 -12.06 6.73 -9.63
N GLU A 147 -12.12 5.40 -9.80
CA GLU A 147 -12.82 4.56 -8.83
C GLU A 147 -11.84 3.65 -8.06
N PHE A 148 -12.30 3.08 -6.95
CA PHE A 148 -11.51 2.14 -6.17
C PHE A 148 -11.55 0.79 -6.89
N GLY A 149 -10.81 -0.17 -6.38
CA GLY A 149 -10.79 -1.50 -6.95
C GLY A 149 -9.81 -1.62 -8.12
N LEU A 150 -10.00 -2.67 -8.92
CA LEU A 150 -9.17 -3.00 -10.08
C LEU A 150 -9.21 -1.92 -11.14
N GLN A 151 -7.98 -1.54 -11.58
CA GLN A 151 -7.69 -0.53 -12.61
C GLN A 151 -7.45 -1.19 -13.95
N PRO A 152 -7.79 -0.51 -15.05
CA PRO A 152 -7.69 -1.15 -16.37
C PRO A 152 -6.30 -1.22 -17.00
N HIS A 153 -5.22 -0.85 -16.28
CA HIS A 153 -3.87 -0.93 -16.85
C HIS A 153 -2.93 -1.77 -16.00
N LYS A 154 -2.04 -2.49 -16.66
CA LYS A 154 -1.03 -3.30 -15.99
C LYS A 154 0.23 -2.44 -15.86
N ILE A 155 1.09 -2.74 -14.88
CA ILE A 155 2.36 -2.02 -14.77
C ILE A 155 3.12 -2.26 -16.10
N PRO A 156 3.67 -1.20 -16.76
CA PRO A 156 4.33 -1.40 -18.07
C PRO A 156 5.36 -2.52 -18.08
N ASP A 157 5.29 -3.35 -19.13
CA ASP A 157 6.16 -4.51 -19.41
C ASP A 157 6.02 -5.64 -18.37
N THR A 158 4.87 -5.69 -17.68
CA THR A 158 4.60 -6.72 -16.67
C THR A 158 3.14 -7.19 -16.79
N GLU A 159 2.80 -8.23 -16.02
CA GLU A 159 1.44 -8.74 -15.89
C GLU A 159 0.86 -8.27 -14.56
N THR A 160 1.58 -7.38 -13.82
CA THR A 160 1.16 -6.86 -12.51
C THR A 160 -0.07 -5.97 -12.62
N LEU A 161 -1.13 -6.30 -11.87
CA LEU A 161 -2.35 -5.51 -11.90
C LEU A 161 -2.28 -4.34 -10.93
N CYS A 162 -3.13 -3.32 -11.12
CA CYS A 162 -3.23 -2.19 -10.20
C CYS A 162 -4.59 -2.24 -9.52
N TYR A 163 -4.59 -2.16 -8.19
CA TYR A 163 -5.81 -2.24 -7.37
C TYR A 163 -5.75 -1.11 -6.34
N VAL A 164 -6.82 -0.34 -6.20
CA VAL A 164 -6.81 0.86 -5.36
C VAL A 164 -7.78 0.73 -4.20
N MET A 165 -7.34 1.11 -2.99
CA MET A 165 -8.24 1.07 -1.84
C MET A 165 -8.19 2.46 -1.15
N PRO A 166 -9.25 2.82 -0.38
CA PRO A 166 -9.18 4.09 0.38
C PRO A 166 -8.01 3.90 1.36
N SER A 167 -7.28 4.98 1.66
CA SER A 167 -6.14 4.87 2.57
C SER A 167 -6.54 4.23 3.88
N SER A 168 -5.67 3.34 4.37
CA SER A 168 -5.91 2.70 5.67
C SER A 168 -5.76 3.73 6.81
N SER A 169 -5.26 4.94 6.51
CA SER A 169 -5.19 5.98 7.56
C SER A 169 -6.61 6.26 8.09
N ALA A 170 -6.74 6.56 9.41
CA ALA A 170 -8.07 6.93 9.90
C ALA A 170 -8.33 8.43 9.71
N ARG A 171 -7.52 9.08 8.87
CA ARG A 171 -7.76 10.52 8.61
C ARG A 171 -9.05 10.77 7.80
N CYS A 172 -9.39 9.90 6.81
CA CYS A 172 -10.55 10.23 5.97
C CYS A 172 -11.90 9.91 6.62
N ALA A 173 -12.81 10.87 6.52
CA ALA A 173 -14.13 10.79 7.11
C ALA A 173 -15.14 9.95 6.31
N GLN A 174 -14.88 9.72 4.99
CA GLN A 174 -15.78 8.97 4.09
C GLN A 174 -15.84 7.47 4.37
N PHE A 175 -14.80 6.91 5.00
CA PHE A 175 -14.70 5.50 5.40
C PHE A 175 -14.23 5.61 6.85
N PRO A 176 -15.14 6.03 7.78
CA PRO A 176 -14.70 6.39 9.13
C PRO A 176 -14.12 5.29 9.99
N ARG A 177 -14.47 4.03 9.69
CA ARG A 177 -14.02 2.89 10.52
C ARG A 177 -13.32 1.86 9.65
N ALA A 178 -12.56 0.93 10.27
CA ALA A 178 -11.87 -0.20 9.60
C ALA A 178 -12.95 -1.03 8.89
N GLN A 179 -14.15 -1.13 9.48
CA GLN A 179 -15.28 -1.84 8.89
C GLN A 179 -15.69 -1.26 7.54
N ASP A 180 -15.58 0.06 7.37
CA ASP A 180 -15.93 0.72 6.11
C ASP A 180 -14.95 0.48 4.97
N LYS A 181 -13.81 -0.15 5.27
CA LYS A 181 -12.78 -0.39 4.24
C LYS A 181 -12.59 -1.86 3.96
N VAL A 182 -13.12 -2.75 4.84
CA VAL A 182 -12.93 -4.21 4.72
CA VAL A 182 -12.92 -4.21 4.71
C VAL A 182 -13.36 -4.76 3.35
N HIS A 183 -14.46 -4.22 2.76
CA HIS A 183 -15.01 -4.65 1.46
C HIS A 183 -13.87 -4.70 0.41
N TYR A 184 -13.04 -3.65 0.38
CA TYR A 184 -11.90 -3.54 -0.55
C TYR A 184 -10.82 -4.58 -0.32
N TYR A 185 -10.60 -4.96 0.95
CA TYR A 185 -9.62 -6.00 1.29
C TYR A 185 -10.22 -7.35 0.91
N ILE A 186 -11.54 -7.56 1.12
CA ILE A 186 -12.16 -8.84 0.72
C ILE A 186 -12.05 -8.99 -0.82
N LYS A 187 -12.42 -7.94 -1.56
CA LYS A 187 -12.34 -7.98 -3.03
C LYS A 187 -10.90 -8.13 -3.53
N LEU A 188 -9.89 -7.64 -2.75
CA LEU A 188 -8.48 -7.85 -3.08
C LEU A 188 -8.16 -9.35 -2.94
N LYS A 189 -8.62 -9.96 -1.83
CA LYS A 189 -8.43 -11.39 -1.55
C LYS A 189 -9.05 -12.21 -2.70
N ASP A 190 -10.30 -11.86 -3.10
CA ASP A 190 -10.99 -12.55 -4.22
C ASP A 190 -10.20 -12.43 -5.51
N LEU A 191 -9.66 -11.22 -5.81
CA LEU A 191 -8.84 -11.00 -7.01
C LEU A 191 -7.60 -11.92 -7.00
N ARG A 192 -6.89 -11.98 -5.87
CA ARG A 192 -5.72 -12.85 -5.71
C ARG A 192 -6.14 -14.31 -5.98
N ASP A 193 -7.25 -14.79 -5.33
CA ASP A 193 -7.71 -16.17 -5.53
C ASP A 193 -8.11 -16.46 -6.96
N GLN A 194 -8.69 -15.47 -7.66
CA GLN A 194 -9.07 -15.63 -9.06
C GLN A 194 -7.80 -15.81 -9.90
N LEU A 195 -6.77 -14.97 -9.67
CA LEU A 195 -5.48 -15.02 -10.38
C LEU A 195 -4.74 -16.35 -10.16
N LYS A 196 -4.78 -16.88 -8.93
CA LYS A 196 -4.17 -18.18 -8.60
C LYS A 196 -4.94 -19.31 -9.31
N GLY A 197 -6.28 -19.18 -9.38
CA GLY A 197 -7.17 -20.12 -10.04
C GLY A 197 -6.95 -20.23 -11.53
N ILE A 198 -6.68 -19.07 -12.19
CA ILE A 198 -6.37 -18.97 -13.63
C ILE A 198 -5.01 -19.65 -13.89
N GLU A 199 -3.97 -19.31 -13.09
CA GLU A 199 -2.63 -19.88 -13.19
C GLU A 199 -2.66 -21.43 -13.15
N ARG A 200 -3.50 -22.02 -12.27
CA ARG A 200 -3.68 -23.47 -12.15
C ARG A 200 -4.28 -24.09 -13.43
N ASN A 201 -5.19 -23.35 -14.09
CA ASN A 201 -5.86 -23.76 -15.34
C ASN A 201 -5.06 -23.32 -16.60
N MET A 202 -3.87 -22.71 -16.38
CA MET A 202 -2.93 -22.17 -17.38
C MET A 202 -3.49 -20.95 -18.11
P UF2 C 17 -0.68 7.41 10.54
O1P UF2 C 17 0.65 7.86 10.97
O5' UF2 C 17 -1.08 8.07 9.11
C5' UF2 C 17 -0.46 9.26 8.57
C4' UF2 C 17 -0.10 8.96 7.13
C3' UF2 C 17 -1.25 8.38 6.31
O3' UF2 C 17 -1.76 9.29 5.34
C2' UF2 C 17 -0.73 7.12 5.64
F2' UF2 C 17 -1.31 5.99 6.23
C1' UF2 C 17 0.77 7.15 5.95
O4' UF2 C 17 0.90 7.92 7.13
N1 UF2 C 17 1.38 5.84 6.18
C6 UF2 C 17 1.65 5.38 7.45
C5 UF2 C 17 2.33 4.24 7.68
C4 UF2 C 17 2.80 3.46 6.58
N3 UF2 C 17 2.47 3.97 5.32
C2 UF2 C 17 1.75 5.11 5.06
O2 UF2 C 17 1.43 5.43 3.92
O4 UF2 C 17 3.43 2.40 6.66
O2P UF2 C 17 -0.84 5.88 10.41
#